data_2YRW
#
_entry.id   2YRW
#
_cell.length_a   51.238
_cell.length_b   83.622
_cell.length_c   95.468
_cell.angle_alpha   90.00
_cell.angle_beta   90.00
_cell.angle_gamma   90.00
#
_symmetry.space_group_name_H-M   'P 21 21 21'
#
loop_
_entity.id
_entity.type
_entity.pdbx_description
1 polymer 'Phosphoribosylglycinamide synthetase'
2 non-polymer 'PHOSPHATE ION'
3 water water
#
_entity_poly.entity_id   1
_entity_poly.type   'polypeptide(L)'
_entity_poly.pdbx_seq_one_letter_code
;MGSSHHHHHHSSGENLYFQSHMNVLVIGRGGREHAIAWKAAQSPLVGKLYVAPGNPGIADVAELVHIDELDIEALVQFAK
QQAIDLTIVGPEAPLASGIVDRFMAEGLRIFGPSQRAALIEGSKAFAKELMKKYGIPTADHAAFTSYEEAKAYIEQKGAP
IVIKADGLAAGKGVTVAQTVEEALAAAKAALVDGQFGTAGSQVVIEEYLEGEEFSFMAFVNGEKVYPLAIAQDHKRAYDG
DEGPNTGGMGAYSPVPQISDEMMDAALEAILRPAAKALAAEGRPFLGVLYAGLMATANGPKVIEFNARFGDPEAQVVLPR
LKTDLVEAVLAVMDGKELELEWTDEAVLGVVLAAKGYPGAYERGAEIRGLDRISPDALLFHAGTKREGGAWYTNGGRVLL
LAAKGETLAKAKEKAYEQLAAIDCDGLFYRRDIGRRAIERASAAYTRMKGR
;
_entity_poly.pdbx_strand_id   A
#
loop_
_chem_comp.id
_chem_comp.type
_chem_comp.name
_chem_comp.formula
PO4 non-polymer 'PHOSPHATE ION' 'O4 P -3'
#
# COMPACT_ATOMS: atom_id res chain seq x y z
N HIS A 21 7.07 15.39 -24.06
CA HIS A 21 8.21 16.24 -23.63
C HIS A 21 9.04 15.60 -22.52
N MET A 22 8.37 15.13 -21.47
CA MET A 22 9.05 14.55 -20.33
C MET A 22 9.35 13.06 -20.44
N ASN A 23 10.49 12.66 -19.87
CA ASN A 23 10.89 11.27 -19.84
C ASN A 23 10.66 10.86 -18.39
N VAL A 24 9.75 9.92 -18.18
CA VAL A 24 9.42 9.50 -16.84
C VAL A 24 9.81 8.07 -16.55
N LEU A 25 10.37 7.86 -15.36
CA LEU A 25 10.77 6.54 -14.92
C LEU A 25 9.97 6.13 -13.69
N VAL A 26 9.45 4.91 -13.72
CA VAL A 26 8.70 4.37 -12.60
C VAL A 26 9.49 3.19 -12.08
N ILE A 27 9.70 3.14 -10.77
CA ILE A 27 10.45 2.05 -10.17
C ILE A 27 9.50 1.03 -9.52
N GLY A 28 9.64 -0.23 -9.93
CA GLY A 28 8.79 -1.28 -9.38
C GLY A 28 8.49 -2.37 -10.38
N ARG A 29 7.72 -3.37 -9.96
CA ARG A 29 7.40 -4.51 -10.83
C ARG A 29 5.99 -5.09 -10.65
N GLY A 30 5.19 -4.51 -9.76
CA GLY A 30 3.85 -5.03 -9.53
C GLY A 30 2.67 -4.27 -10.12
N GLY A 31 1.48 -4.62 -9.65
CA GLY A 31 0.24 -4.00 -10.12
C GLY A 31 0.19 -2.51 -9.88
N ARG A 32 0.64 -2.09 -8.70
CA ARG A 32 0.67 -0.68 -8.37
C ARG A 32 1.47 0.07 -9.42
N GLU A 33 2.61 -0.49 -9.81
CA GLU A 33 3.46 0.16 -10.80
C GLU A 33 2.79 0.15 -12.18
N HIS A 34 2.05 -0.93 -12.47
CA HIS A 34 1.35 -1.01 -13.75
C HIS A 34 0.31 0.12 -13.76
N ALA A 35 -0.32 0.33 -12.61
CA ALA A 35 -1.32 1.38 -12.49
C ALA A 35 -0.66 2.74 -12.63
N ILE A 36 0.47 2.94 -11.97
CA ILE A 36 1.19 4.21 -12.04
C ILE A 36 1.55 4.51 -13.50
N ALA A 37 2.21 3.55 -14.12
CA ALA A 37 2.66 3.66 -15.51
C ALA A 37 1.49 3.94 -16.44
N TRP A 38 0.46 3.10 -16.34
CA TRP A 38 -0.75 3.24 -17.15
C TRP A 38 -1.27 4.68 -17.09
N LYS A 39 -1.39 5.23 -15.89
CA LYS A 39 -1.88 6.58 -15.70
C LYS A 39 -0.93 7.61 -16.31
N ALA A 40 0.34 7.53 -15.94
CA ALA A 40 1.34 8.45 -16.45
C ALA A 40 1.42 8.44 -17.98
N ALA A 41 1.18 7.28 -18.58
CA ALA A 41 1.26 7.15 -20.03
C ALA A 41 0.18 7.96 -20.71
N GLN A 42 -0.84 8.35 -19.95
CA GLN A 42 -1.93 9.13 -20.50
C GLN A 42 -1.70 10.63 -20.35
N SER A 43 -0.56 10.99 -19.77
CA SER A 43 -0.24 12.40 -19.56
C SER A 43 0.28 13.06 -20.84
N PRO A 44 -0.29 14.21 -21.21
CA PRO A 44 0.14 14.92 -22.41
C PRO A 44 1.54 15.51 -22.22
N LEU A 45 2.09 15.38 -21.02
CA LEU A 45 3.41 15.90 -20.71
C LEU A 45 4.48 14.81 -20.86
N VAL A 46 4.04 13.56 -20.91
CA VAL A 46 4.99 12.45 -21.02
C VAL A 46 5.40 12.11 -22.45
N GLY A 47 6.70 12.25 -22.72
CA GLY A 47 7.22 11.93 -24.03
C GLY A 47 7.49 10.44 -24.08
N LYS A 48 8.22 9.94 -23.09
CA LYS A 48 8.54 8.52 -23.01
C LYS A 48 8.45 8.05 -21.56
N LEU A 49 8.05 6.79 -21.38
CA LEU A 49 7.89 6.21 -20.05
C LEU A 49 8.61 4.88 -19.88
N TYR A 50 9.42 4.79 -18.82
CA TYR A 50 10.18 3.58 -18.50
C TYR A 50 9.78 3.05 -17.13
N VAL A 51 9.84 1.73 -16.98
CA VAL A 51 9.54 1.08 -15.72
C VAL A 51 10.64 0.07 -15.44
N ALA A 52 11.29 0.21 -14.29
CA ALA A 52 12.38 -0.68 -13.91
C ALA A 52 12.07 -1.39 -12.60
N PRO A 53 11.99 -2.73 -12.64
CA PRO A 53 12.18 -3.58 -13.82
C PRO A 53 10.87 -3.83 -14.55
N GLY A 54 9.75 -3.53 -13.89
CA GLY A 54 8.45 -3.73 -14.49
C GLY A 54 8.11 -5.20 -14.65
N ASN A 55 7.23 -5.48 -15.60
CA ASN A 55 6.81 -6.85 -15.88
C ASN A 55 6.15 -6.90 -17.26
N PRO A 56 5.91 -8.12 -17.79
CA PRO A 56 5.29 -8.30 -19.11
C PRO A 56 4.03 -7.47 -19.37
N GLY A 57 3.14 -7.42 -18.39
CA GLY A 57 1.92 -6.64 -18.57
C GLY A 57 2.23 -5.17 -18.72
N ILE A 58 3.14 -4.68 -17.90
CA ILE A 58 3.52 -3.28 -17.93
C ILE A 58 4.14 -2.86 -19.25
N ALA A 59 4.82 -3.79 -19.92
CA ALA A 59 5.46 -3.47 -21.20
C ALA A 59 4.46 -2.96 -22.26
N ASP A 60 3.17 -3.16 -22.02
CA ASP A 60 2.15 -2.70 -22.97
C ASP A 60 1.93 -1.20 -22.90
N VAL A 61 2.36 -0.58 -21.80
CA VAL A 61 2.17 0.85 -21.65
C VAL A 61 3.46 1.63 -21.46
N ALA A 62 4.58 0.93 -21.29
CA ALA A 62 5.87 1.57 -21.11
C ALA A 62 7.01 0.65 -21.51
N GLU A 63 8.17 1.23 -21.77
CA GLU A 63 9.35 0.44 -22.13
C GLU A 63 9.98 -0.07 -20.84
N LEU A 64 10.23 -1.37 -20.76
CA LEU A 64 10.83 -1.94 -19.57
C LEU A 64 12.32 -1.65 -19.54
N VAL A 65 12.84 -1.48 -18.33
CA VAL A 65 14.26 -1.21 -18.09
C VAL A 65 14.72 -2.30 -17.14
N HIS A 66 15.56 -3.21 -17.64
CA HIS A 66 16.04 -4.31 -16.82
C HIS A 66 17.08 -3.93 -15.78
N ILE A 67 16.61 -3.29 -14.71
CA ILE A 67 17.44 -2.88 -13.61
C ILE A 67 16.65 -3.17 -12.33
N ASP A 68 17.33 -3.68 -11.31
CA ASP A 68 16.68 -4.00 -10.05
C ASP A 68 16.35 -2.73 -9.26
N GLU A 69 15.24 -2.78 -8.52
CA GLU A 69 14.80 -1.63 -7.74
C GLU A 69 15.87 -1.19 -6.75
N LEU A 70 16.58 -2.15 -6.17
CA LEU A 70 17.63 -1.85 -5.20
C LEU A 70 18.99 -1.58 -5.82
N ASP A 71 19.10 -1.78 -7.13
CA ASP A 71 20.35 -1.52 -7.83
C ASP A 71 20.37 -0.02 -8.08
N ILE A 72 20.32 0.74 -6.99
CA ILE A 72 20.28 2.20 -7.04
C ILE A 72 21.41 2.84 -7.85
N GLU A 73 22.60 2.26 -7.77
CA GLU A 73 23.73 2.80 -8.51
C GLU A 73 23.45 2.80 -10.01
N ALA A 74 22.87 1.71 -10.51
CA ALA A 74 22.56 1.59 -11.92
C ALA A 74 21.36 2.47 -12.30
N LEU A 75 20.38 2.57 -11.41
CA LEU A 75 19.21 3.39 -11.69
C LEU A 75 19.61 4.85 -11.87
N VAL A 76 20.58 5.29 -11.07
CA VAL A 76 21.06 6.67 -11.16
C VAL A 76 21.62 6.92 -12.55
N GLN A 77 22.55 6.07 -12.96
CA GLN A 77 23.18 6.21 -14.26
C GLN A 77 22.12 6.25 -15.36
N PHE A 78 21.19 5.31 -15.30
CA PHE A 78 20.12 5.25 -16.29
C PHE A 78 19.37 6.58 -16.34
N ALA A 79 19.01 7.10 -15.18
CA ALA A 79 18.29 8.36 -15.09
C ALA A 79 19.07 9.48 -15.75
N LYS A 80 20.37 9.54 -15.46
CA LYS A 80 21.23 10.57 -16.03
C LYS A 80 21.36 10.40 -17.55
N GLN A 81 21.67 9.19 -17.99
CA GLN A 81 21.84 8.94 -19.43
C GLN A 81 20.54 9.01 -20.23
N GLN A 82 19.42 8.68 -19.60
CA GLN A 82 18.15 8.71 -20.32
C GLN A 82 17.35 9.99 -20.09
N ALA A 83 18.03 11.03 -19.62
CA ALA A 83 17.41 12.32 -19.37
C ALA A 83 16.03 12.21 -18.72
N ILE A 84 15.96 11.47 -17.62
CA ILE A 84 14.70 11.29 -16.90
C ILE A 84 14.35 12.53 -16.09
N ASP A 85 13.25 13.18 -16.46
CA ASP A 85 12.81 14.40 -15.79
C ASP A 85 12.03 14.15 -14.50
N LEU A 86 11.50 12.93 -14.36
CA LEU A 86 10.74 12.56 -13.16
C LEU A 86 10.77 11.07 -12.89
N THR A 87 11.16 10.72 -11.68
CA THR A 87 11.21 9.32 -11.26
C THR A 87 10.17 9.13 -10.16
N ILE A 88 9.38 8.07 -10.28
CA ILE A 88 8.35 7.79 -9.29
C ILE A 88 8.63 6.41 -8.73
N VAL A 89 8.82 6.34 -7.41
CA VAL A 89 9.13 5.08 -6.75
C VAL A 89 7.89 4.34 -6.26
N GLY A 90 7.78 3.08 -6.64
CA GLY A 90 6.64 2.29 -6.24
C GLY A 90 6.76 1.56 -4.91
N PRO A 91 7.76 0.65 -4.76
CA PRO A 91 7.97 -0.13 -3.53
C PRO A 91 8.78 0.55 -2.42
N GLU A 92 8.59 0.07 -1.20
CA GLU A 92 9.28 0.60 -0.04
C GLU A 92 10.80 0.34 -0.06
N ALA A 93 11.20 -0.85 -0.49
CA ALA A 93 12.61 -1.24 -0.51
C ALA A 93 13.59 -0.17 -0.97
N PRO A 94 13.47 0.33 -2.21
CA PRO A 94 14.42 1.36 -2.66
C PRO A 94 14.41 2.62 -1.79
N LEU A 95 13.24 2.97 -1.27
CA LEU A 95 13.12 4.15 -0.42
C LEU A 95 13.91 3.94 0.86
N ALA A 96 13.69 2.80 1.51
CA ALA A 96 14.39 2.47 2.75
C ALA A 96 15.89 2.44 2.51
N SER A 97 16.29 2.15 1.29
CA SER A 97 17.72 2.10 0.94
C SER A 97 18.27 3.45 0.55
N GLY A 98 17.42 4.48 0.58
CA GLY A 98 17.86 5.83 0.26
C GLY A 98 17.98 6.21 -1.21
N ILE A 99 17.17 5.60 -2.06
CA ILE A 99 17.23 5.94 -3.48
C ILE A 99 17.00 7.43 -3.67
N VAL A 100 16.02 7.98 -2.95
CA VAL A 100 15.71 9.40 -3.04
C VAL A 100 16.96 10.22 -2.73
N ASP A 101 17.59 9.96 -1.60
CA ASP A 101 18.80 10.69 -1.21
C ASP A 101 19.82 10.66 -2.34
N ARG A 102 20.11 9.47 -2.86
CA ARG A 102 21.07 9.33 -3.95
C ARG A 102 20.66 10.15 -5.17
N PHE A 103 19.40 10.05 -5.56
CA PHE A 103 18.93 10.79 -6.73
C PHE A 103 19.06 12.30 -6.54
N MET A 104 18.65 12.80 -5.37
CA MET A 104 18.74 14.23 -5.11
C MET A 104 20.18 14.71 -5.07
N ALA A 105 21.07 13.87 -4.55
CA ALA A 105 22.48 14.23 -4.48
C ALA A 105 23.00 14.34 -5.91
N GLU A 106 22.38 13.59 -6.81
CA GLU A 106 22.76 13.59 -8.22
C GLU A 106 21.95 14.60 -9.00
N GLY A 107 21.18 15.42 -8.29
CA GLY A 107 20.36 16.43 -8.94
C GLY A 107 19.26 15.88 -9.83
N LEU A 108 18.74 14.69 -9.49
CA LEU A 108 17.67 14.08 -10.28
C LEU A 108 16.31 14.23 -9.58
N ARG A 109 15.31 14.68 -10.33
CA ARG A 109 13.96 14.87 -9.78
C ARG A 109 13.30 13.53 -9.49
N ILE A 110 12.97 13.29 -8.23
CA ILE A 110 12.36 12.03 -7.85
C ILE A 110 11.22 12.26 -6.86
N PHE A 111 10.09 11.63 -7.10
CA PHE A 111 8.92 11.74 -6.23
C PHE A 111 8.91 10.58 -5.27
N GLY A 112 9.28 10.85 -4.02
CA GLY A 112 9.34 9.83 -3.01
C GLY A 112 10.08 10.37 -1.81
N PRO A 113 9.98 9.71 -0.65
CA PRO A 113 10.63 10.15 0.59
C PRO A 113 12.11 9.81 0.74
N SER A 114 12.80 10.65 1.48
CA SER A 114 14.21 10.42 1.78
C SER A 114 14.22 9.23 2.73
N GLN A 115 15.40 8.62 2.89
CA GLN A 115 15.54 7.49 3.79
C GLN A 115 15.01 7.85 5.18
N ARG A 116 15.41 9.01 5.69
CA ARG A 116 14.97 9.47 7.01
C ARG A 116 13.44 9.53 7.13
N ALA A 117 12.79 10.11 6.11
CA ALA A 117 11.35 10.24 6.10
C ALA A 117 10.66 8.91 5.89
N ALA A 118 11.28 8.03 5.12
CA ALA A 118 10.71 6.71 4.83
C ALA A 118 10.63 5.86 6.09
N LEU A 119 11.35 6.26 7.13
CA LEU A 119 11.35 5.52 8.38
C LEU A 119 9.94 5.49 8.96
N ILE A 120 9.09 6.38 8.49
CA ILE A 120 7.72 6.43 8.98
C ILE A 120 7.06 5.08 8.70
N GLU A 121 7.49 4.41 7.64
CA GLU A 121 6.96 3.08 7.32
C GLU A 121 7.96 2.02 7.80
N GLY A 122 9.25 2.26 7.59
CA GLY A 122 10.27 1.30 7.98
C GLY A 122 10.21 0.78 9.40
N SER A 123 10.02 1.67 10.36
CA SER A 123 9.98 1.25 11.75
C SER A 123 8.67 1.63 12.43
N LYS A 124 7.84 0.62 12.71
CA LYS A 124 6.57 0.89 13.39
C LYS A 124 6.87 1.52 14.75
N ALA A 125 7.97 1.09 15.36
CA ALA A 125 8.35 1.62 16.67
C ALA A 125 8.54 3.12 16.51
N PHE A 126 9.19 3.52 15.43
CA PHE A 126 9.41 4.94 15.19
C PHE A 126 8.09 5.66 14.98
N ALA A 127 7.20 5.04 14.18
CA ALA A 127 5.90 5.63 13.90
C ALA A 127 5.13 5.86 15.19
N LYS A 128 5.14 4.88 16.09
CA LYS A 128 4.45 5.03 17.36
C LYS A 128 5.12 6.16 18.14
N GLU A 129 6.44 6.15 18.14
CA GLU A 129 7.21 7.18 18.83
C GLU A 129 6.76 8.57 18.36
N LEU A 130 6.75 8.77 17.05
CA LEU A 130 6.36 10.05 16.47
C LEU A 130 4.93 10.43 16.84
N MET A 131 3.99 9.53 16.58
CA MET A 131 2.59 9.80 16.87
C MET A 131 2.32 10.12 18.35
N LYS A 132 3.04 9.46 19.26
CA LYS A 132 2.85 9.71 20.67
C LYS A 132 3.39 11.08 21.03
N LYS A 133 4.59 11.38 20.53
CA LYS A 133 5.21 12.67 20.80
C LYS A 133 4.34 13.81 20.26
N TYR A 134 3.75 13.60 19.10
CA TYR A 134 2.92 14.62 18.49
C TYR A 134 1.42 14.46 18.66
N GLY A 135 1.01 13.59 19.58
CA GLY A 135 -0.41 13.39 19.83
C GLY A 135 -1.28 13.02 18.64
N ILE A 136 -0.79 12.13 17.79
CA ILE A 136 -1.55 11.69 16.63
C ILE A 136 -2.23 10.40 17.04
N PRO A 137 -3.58 10.34 16.93
CA PRO A 137 -4.38 9.17 17.31
C PRO A 137 -3.98 7.84 16.68
N THR A 138 -3.63 6.89 17.54
CA THR A 138 -3.21 5.57 17.10
C THR A 138 -3.43 4.55 18.21
N ALA A 139 -3.40 3.27 17.85
CA ALA A 139 -3.58 2.22 18.83
C ALA A 139 -2.35 2.22 19.73
N ASP A 140 -2.57 2.03 21.02
CA ASP A 140 -1.46 1.98 21.97
C ASP A 140 -0.52 0.88 21.53
N HIS A 141 0.77 1.05 21.80
CA HIS A 141 1.79 0.09 21.41
C HIS A 141 2.91 0.11 22.42
N ALA A 142 3.51 -1.04 22.68
CA ALA A 142 4.61 -1.11 23.62
C ALA A 142 5.28 -2.47 23.58
N ALA A 143 6.61 -2.46 23.68
CA ALA A 143 7.40 -3.69 23.66
C ALA A 143 8.04 -3.88 25.03
N PHE A 144 8.27 -5.15 25.38
CA PHE A 144 8.87 -5.48 26.67
C PHE A 144 9.78 -6.71 26.56
N THR A 145 10.81 -6.72 27.38
CA THR A 145 11.73 -7.85 27.43
C THR A 145 11.54 -8.48 28.80
N SER A 146 10.88 -7.76 29.69
CA SER A 146 10.59 -8.20 31.05
C SER A 146 9.13 -8.59 31.25
N TYR A 147 8.87 -9.84 31.60
CA TYR A 147 7.49 -10.26 31.81
C TYR A 147 6.76 -9.39 32.82
N GLU A 148 7.40 -9.13 33.97
CA GLU A 148 6.79 -8.31 35.01
C GLU A 148 6.31 -6.96 34.52
N GLU A 149 7.08 -6.30 33.67
CA GLU A 149 6.68 -5.01 33.14
C GLU A 149 5.53 -5.19 32.15
N ALA A 150 5.61 -6.23 31.33
CA ALA A 150 4.57 -6.52 30.36
C ALA A 150 3.27 -6.74 31.12
N LYS A 151 3.38 -7.51 32.21
CA LYS A 151 2.22 -7.83 33.04
C LYS A 151 1.60 -6.55 33.60
N ALA A 152 2.43 -5.72 34.23
CA ALA A 152 1.95 -4.47 34.81
C ALA A 152 1.23 -3.65 33.74
N TYR A 153 1.77 -3.66 32.53
CA TYR A 153 1.16 -2.92 31.43
C TYR A 153 -0.16 -3.53 30.98
N ILE A 154 -0.19 -4.85 30.84
CA ILE A 154 -1.41 -5.55 30.42
C ILE A 154 -2.56 -5.28 31.38
N GLU A 155 -2.27 -5.38 32.68
CA GLU A 155 -3.26 -5.15 33.72
C GLU A 155 -3.77 -3.72 33.74
N GLN A 156 -2.98 -2.81 33.16
CA GLN A 156 -3.37 -1.41 33.12
C GLN A 156 -4.26 -1.11 31.90
N LYS A 157 -4.12 -1.91 30.85
CA LYS A 157 -4.89 -1.70 29.63
C LYS A 157 -6.14 -2.56 29.47
N GLY A 158 -6.25 -3.61 30.28
CA GLY A 158 -7.42 -4.48 30.18
C GLY A 158 -7.48 -5.17 28.84
N ALA A 159 -8.49 -6.04 28.68
CA ALA A 159 -8.66 -6.79 27.45
C ALA A 159 -10.07 -6.55 26.89
N PRO A 160 -10.30 -6.92 25.61
CA PRO A 160 -9.36 -7.55 24.68
C PRO A 160 -8.10 -6.71 24.45
N ILE A 161 -7.02 -7.39 24.10
CA ILE A 161 -5.75 -6.72 23.88
C ILE A 161 -4.92 -7.60 22.95
N VAL A 162 -4.01 -6.99 22.18
CA VAL A 162 -3.21 -7.76 21.24
C VAL A 162 -1.80 -8.06 21.71
N ILE A 163 -1.44 -9.34 21.70
CA ILE A 163 -0.12 -9.78 22.11
C ILE A 163 0.59 -10.31 20.87
N LYS A 164 1.80 -9.84 20.62
CA LYS A 164 2.55 -10.29 19.46
C LYS A 164 3.91 -10.84 19.82
N ALA A 165 4.11 -12.13 19.52
CA ALA A 165 5.37 -12.82 19.82
C ALA A 165 6.31 -12.83 18.62
N ASP A 166 7.60 -12.83 18.89
CA ASP A 166 8.61 -12.85 17.84
C ASP A 166 9.30 -14.22 17.79
N GLY A 173 1.69 -16.37 16.12
CA GLY A 173 2.48 -15.40 16.86
C GLY A 173 1.65 -14.25 17.39
N VAL A 174 0.56 -13.95 16.70
CA VAL A 174 -0.33 -12.89 17.12
C VAL A 174 -1.60 -13.47 17.74
N THR A 175 -1.92 -13.05 18.96
CA THR A 175 -3.15 -13.53 19.58
C THR A 175 -3.93 -12.34 20.09
N VAL A 176 -5.22 -12.33 19.78
CA VAL A 176 -6.10 -11.28 20.24
C VAL A 176 -6.71 -11.87 21.50
N ALA A 177 -6.04 -11.62 22.63
CA ALA A 177 -6.48 -12.13 23.92
C ALA A 177 -7.78 -11.47 24.35
N GLN A 178 -8.79 -12.30 24.60
CA GLN A 178 -10.11 -11.80 25.01
C GLN A 178 -10.16 -11.44 26.49
N THR A 179 -9.29 -12.03 27.30
CA THR A 179 -9.25 -11.75 28.73
C THR A 179 -7.86 -11.35 29.16
N VAL A 180 -7.76 -10.65 30.28
CA VAL A 180 -6.45 -10.25 30.80
C VAL A 180 -5.65 -11.52 31.12
N GLU A 181 -6.33 -12.54 31.65
CA GLU A 181 -5.65 -13.79 31.99
C GLU A 181 -4.98 -14.39 30.76
N GLU A 182 -5.73 -14.55 29.68
CA GLU A 182 -5.17 -15.10 28.45
C GLU A 182 -4.01 -14.23 27.96
N ALA A 183 -4.20 -12.92 28.03
CA ALA A 183 -3.17 -11.97 27.60
C ALA A 183 -1.86 -12.25 28.32
N LEU A 184 -1.94 -12.44 29.64
CA LEU A 184 -0.76 -12.72 30.45
C LEU A 184 -0.12 -14.05 30.06
N ALA A 185 -0.94 -15.06 29.82
CA ALA A 185 -0.42 -16.38 29.43
C ALA A 185 0.33 -16.24 28.12
N ALA A 186 -0.26 -15.51 27.17
CA ALA A 186 0.36 -15.31 25.87
C ALA A 186 1.62 -14.46 25.98
N ALA A 187 1.60 -13.46 26.84
CA ALA A 187 2.77 -12.59 27.00
C ALA A 187 3.93 -13.44 27.55
N LYS A 188 3.62 -14.25 28.54
CA LYS A 188 4.63 -15.12 29.15
C LYS A 188 5.21 -16.04 28.08
N ALA A 189 4.35 -16.74 27.36
CA ALA A 189 4.78 -17.67 26.32
C ALA A 189 5.62 -16.96 25.26
N ALA A 190 5.25 -15.73 24.95
CA ALA A 190 5.97 -14.94 23.95
C ALA A 190 7.40 -14.71 24.39
N LEU A 191 7.58 -14.41 25.67
CA LEU A 191 8.89 -14.15 26.21
C LEU A 191 9.67 -15.44 26.44
N VAL A 192 8.96 -16.51 26.80
CA VAL A 192 9.60 -17.79 27.07
C VAL A 192 9.92 -18.59 25.81
N ASP A 193 9.02 -18.58 24.83
CA ASP A 193 9.24 -19.36 23.62
C ASP A 193 9.59 -18.52 22.38
N GLY A 194 9.46 -17.21 22.48
CA GLY A 194 9.76 -16.34 21.35
C GLY A 194 11.23 -16.38 20.98
N GLN A 195 11.57 -15.85 19.81
CA GLN A 195 12.96 -15.83 19.36
C GLN A 195 13.83 -15.10 20.38
N PHE A 196 15.09 -15.55 20.49
CA PHE A 196 16.02 -14.93 21.41
C PHE A 196 16.87 -13.93 20.63
N GLY A 197 16.51 -12.66 20.71
CA GLY A 197 17.26 -11.64 20.01
C GLY A 197 18.53 -11.27 20.74
N THR A 198 19.31 -10.36 20.16
CA THR A 198 20.56 -9.92 20.78
C THR A 198 20.27 -9.17 22.07
N ALA A 199 19.01 -8.79 22.23
CA ALA A 199 18.57 -8.09 23.43
C ALA A 199 17.63 -9.04 24.18
N GLY A 200 17.69 -10.32 23.81
CA GLY A 200 16.85 -11.31 24.44
C GLY A 200 15.52 -11.40 23.73
N SER A 201 14.57 -12.13 24.29
CA SER A 201 13.24 -12.26 23.70
C SER A 201 12.43 -11.02 24.03
N GLN A 202 11.47 -10.70 23.16
CA GLN A 202 10.64 -9.53 23.35
C GLN A 202 9.18 -9.82 23.04
N VAL A 203 8.29 -8.99 23.59
CA VAL A 203 6.87 -9.15 23.32
C VAL A 203 6.26 -7.77 23.06
N VAL A 204 5.38 -7.70 22.07
CA VAL A 204 4.72 -6.45 21.73
C VAL A 204 3.25 -6.53 22.11
N ILE A 205 2.76 -5.48 22.79
CA ILE A 205 1.38 -5.40 23.23
C ILE A 205 0.72 -4.21 22.55
N GLU A 206 -0.33 -4.47 21.78
CA GLU A 206 -1.02 -3.41 21.06
C GLU A 206 -2.48 -3.30 21.45
N GLU A 207 -3.00 -2.09 21.36
CA GLU A 207 -4.38 -1.83 21.69
C GLU A 207 -5.28 -2.47 20.63
N TYR A 208 -6.31 -3.17 21.09
CA TYR A 208 -7.25 -3.79 20.18
C TYR A 208 -8.24 -2.71 19.79
N LEU A 209 -8.40 -2.48 18.50
CA LEU A 209 -9.33 -1.46 18.04
C LEU A 209 -10.43 -2.08 17.20
N GLU A 210 -11.62 -1.50 17.29
CA GLU A 210 -12.75 -1.98 16.51
C GLU A 210 -13.24 -0.86 15.61
N GLY A 211 -13.73 -1.22 14.42
CA GLY A 211 -14.22 -0.21 13.52
C GLY A 211 -14.04 -0.59 12.06
N GLU A 212 -14.23 0.37 11.18
CA GLU A 212 -14.12 0.15 9.75
C GLU A 212 -12.74 0.58 9.28
N GLU A 213 -12.02 -0.34 8.65
CA GLU A 213 -10.70 -0.02 8.15
C GLU A 213 -10.77 0.72 6.83
N PHE A 214 -9.82 1.64 6.61
CA PHE A 214 -9.77 2.37 5.35
C PHE A 214 -8.36 2.87 5.07
N SER A 215 -8.04 3.00 3.78
CA SER A 215 -6.73 3.46 3.35
C SER A 215 -6.83 4.91 2.90
N PHE A 216 -6.11 5.78 3.59
CA PHE A 216 -6.14 7.19 3.24
C PHE A 216 -4.78 7.62 2.72
N MET A 217 -4.68 7.77 1.40
CA MET A 217 -3.43 8.20 0.78
C MET A 217 -3.49 9.69 0.47
N ALA A 218 -2.32 10.31 0.38
CA ALA A 218 -2.24 11.73 0.08
C ALA A 218 -0.86 12.09 -0.43
N PHE A 219 -0.79 13.02 -1.38
CA PHE A 219 0.51 13.44 -1.86
C PHE A 219 0.97 14.36 -0.75
N VAL A 220 2.26 14.31 -0.44
CA VAL A 220 2.80 15.16 0.60
C VAL A 220 4.15 15.74 0.21
N ASN A 221 4.38 16.98 0.64
CA ASN A 221 5.63 17.67 0.40
C ASN A 221 5.82 18.58 1.60
N GLY A 222 6.64 18.15 2.55
CA GLY A 222 6.85 18.96 3.73
C GLY A 222 5.54 19.03 4.49
N GLU A 223 5.04 20.25 4.72
CA GLU A 223 3.79 20.43 5.44
C GLU A 223 2.54 20.41 4.58
N LYS A 224 2.70 20.50 3.27
CA LYS A 224 1.53 20.50 2.39
C LYS A 224 1.02 19.09 2.10
N VAL A 225 -0.26 18.86 2.39
CA VAL A 225 -0.88 17.56 2.17
C VAL A 225 -1.99 17.69 1.12
N TYR A 226 -2.04 16.73 0.19
CA TYR A 226 -3.06 16.75 -0.87
C TYR A 226 -3.75 15.40 -0.81
N PRO A 227 -4.88 15.33 -0.09
CA PRO A 227 -5.63 14.08 0.05
C PRO A 227 -6.10 13.44 -1.24
N LEU A 228 -5.97 12.12 -1.30
CA LEU A 228 -6.44 11.38 -2.47
C LEU A 228 -7.74 10.73 -2.02
N ALA A 229 -8.48 10.17 -2.97
CA ALA A 229 -9.73 9.50 -2.66
C ALA A 229 -9.42 8.30 -1.77
N ILE A 230 -10.33 8.05 -0.84
CA ILE A 230 -10.18 6.96 0.11
C ILE A 230 -10.47 5.60 -0.54
N ALA A 231 -9.87 4.55 0.01
CA ALA A 231 -10.07 3.20 -0.49
C ALA A 231 -10.06 2.21 0.67
N GLN A 232 -10.60 1.01 0.44
CA GLN A 232 -10.58 -0.01 1.47
C GLN A 232 -9.94 -1.30 0.96
N ASP A 233 -8.94 -1.75 1.69
CA ASP A 233 -8.17 -2.95 1.38
C ASP A 233 -8.89 -4.18 1.96
N HIS A 234 -8.45 -5.37 1.56
CA HIS A 234 -9.00 -6.64 2.06
C HIS A 234 -7.75 -7.45 2.36
N LYS A 235 -7.25 -7.26 3.57
CA LYS A 235 -6.01 -7.88 4.04
C LYS A 235 -5.94 -9.39 4.15
N ARG A 236 -6.96 -10.00 4.72
CA ARG A 236 -6.97 -11.45 4.89
C ARG A 236 -7.00 -12.14 3.53
N ALA A 237 -6.39 -13.32 3.46
CA ALA A 237 -6.29 -14.08 2.23
C ALA A 237 -7.57 -14.72 1.72
N TYR A 238 -8.52 -14.99 2.61
CA TYR A 238 -9.75 -15.68 2.19
C TYR A 238 -11.07 -14.98 2.42
N ASP A 239 -12.11 -15.52 1.79
CA ASP A 239 -13.47 -15.02 1.87
C ASP A 239 -13.89 -14.91 3.33
N GLY A 240 -14.60 -13.84 3.65
CA GLY A 240 -15.02 -13.64 5.02
C GLY A 240 -13.78 -13.32 5.82
N ASP A 241 -12.88 -12.54 5.21
CA ASP A 241 -11.63 -12.15 5.83
C ASP A 241 -11.03 -13.24 6.72
N GLU A 242 -10.80 -14.40 6.13
CA GLU A 242 -10.21 -15.53 6.85
C GLU A 242 -8.77 -15.74 6.38
N GLY A 243 -7.99 -16.49 7.16
CA GLY A 243 -6.62 -16.76 6.77
C GLY A 243 -5.58 -15.77 7.25
N PRO A 244 -4.33 -15.92 6.77
CA PRO A 244 -3.23 -15.02 7.15
C PRO A 244 -3.31 -13.68 6.45
N ASN A 245 -2.51 -12.72 6.89
CA ASN A 245 -2.51 -11.41 6.27
C ASN A 245 -1.72 -11.44 4.96
N THR A 246 -2.06 -10.52 4.06
CA THR A 246 -1.40 -10.44 2.76
C THR A 246 -1.11 -8.98 2.43
N GLY A 247 -0.49 -8.75 1.28
CA GLY A 247 -0.20 -7.40 0.86
C GLY A 247 -1.49 -6.71 0.43
N GLY A 248 -2.58 -7.48 0.36
CA GLY A 248 -3.86 -6.93 -0.05
C GLY A 248 -4.47 -7.77 -1.14
N MET A 249 -5.65 -8.33 -0.87
CA MET A 249 -6.35 -9.18 -1.83
C MET A 249 -7.36 -8.47 -2.71
N GLY A 250 -7.51 -7.17 -2.51
CA GLY A 250 -8.45 -6.43 -3.32
C GLY A 250 -8.83 -5.13 -2.66
N ALA A 251 -9.49 -4.26 -3.41
CA ALA A 251 -9.88 -2.97 -2.87
C ALA A 251 -10.86 -2.28 -3.79
N TYR A 252 -11.44 -1.19 -3.28
CA TYR A 252 -12.38 -0.40 -4.04
C TYR A 252 -12.36 1.03 -3.49
N SER A 253 -12.90 1.94 -4.28
CA SER A 253 -12.97 3.35 -3.93
C SER A 253 -14.15 3.93 -4.70
N PRO A 254 -14.92 4.84 -4.09
CA PRO A 254 -14.79 5.36 -2.73
C PRO A 254 -15.27 4.36 -1.70
N VAL A 255 -15.38 4.82 -0.45
CA VAL A 255 -15.81 3.96 0.65
C VAL A 255 -16.98 4.67 1.35
N PRO A 256 -18.19 4.50 0.81
CA PRO A 256 -19.41 5.11 1.35
C PRO A 256 -19.59 5.02 2.87
N GLN A 257 -19.34 3.85 3.44
CA GLN A 257 -19.52 3.69 4.88
C GLN A 257 -18.59 4.54 5.76
N ILE A 258 -17.58 5.14 5.15
CA ILE A 258 -16.70 6.01 5.93
C ILE A 258 -17.24 7.42 5.73
N SER A 259 -17.75 8.02 6.80
CA SER A 259 -18.33 9.36 6.72
C SER A 259 -17.30 10.40 6.29
N ASP A 260 -17.79 11.51 5.74
CA ASP A 260 -16.92 12.60 5.32
C ASP A 260 -16.31 13.22 6.57
N GLU A 261 -17.02 13.10 7.70
CA GLU A 261 -16.52 13.65 8.96
C GLU A 261 -15.32 12.83 9.40
N MET A 262 -15.44 11.50 9.30
CA MET A 262 -14.34 10.61 9.68
C MET A 262 -13.16 10.91 8.77
N MET A 263 -13.45 11.06 7.47
CA MET A 263 -12.43 11.36 6.49
C MET A 263 -11.74 12.67 6.83
N ASP A 264 -12.52 13.70 7.13
CA ASP A 264 -11.95 15.00 7.46
C ASP A 264 -11.16 14.96 8.76
N ALA A 265 -11.61 14.14 9.70
CA ALA A 265 -10.91 14.02 10.97
C ALA A 265 -9.54 13.41 10.67
N ALA A 266 -9.51 12.37 9.85
CA ALA A 266 -8.26 11.70 9.49
C ALA A 266 -7.30 12.70 8.85
N LEU A 267 -7.82 13.50 7.94
CA LEU A 267 -6.97 14.48 7.27
C LEU A 267 -6.36 15.53 8.23
N GLU A 268 -7.16 16.06 9.14
CA GLU A 268 -6.67 17.09 10.06
C GLU A 268 -6.06 16.62 11.38
N ALA A 269 -6.38 15.41 11.82
CA ALA A 269 -5.80 14.92 13.07
C ALA A 269 -4.69 13.91 12.82
N ILE A 270 -4.62 13.38 11.60
CA ILE A 270 -3.60 12.41 11.29
C ILE A 270 -2.64 12.82 10.17
N LEU A 271 -3.14 12.90 8.94
CA LEU A 271 -2.30 13.26 7.79
C LEU A 271 -1.53 14.57 7.92
N ARG A 272 -2.24 15.66 8.19
CA ARG A 272 -1.57 16.95 8.31
C ARG A 272 -0.62 16.97 9.50
N PRO A 273 -1.05 16.48 10.68
CA PRO A 273 -0.10 16.51 11.80
C PRO A 273 1.09 15.58 11.58
N ALA A 274 0.88 14.47 10.86
CA ALA A 274 1.98 13.55 10.60
C ALA A 274 3.03 14.21 9.70
N ALA A 275 2.58 14.88 8.65
CA ALA A 275 3.51 15.55 7.74
C ALA A 275 4.28 16.62 8.50
N LYS A 276 3.57 17.39 9.33
CA LYS A 276 4.21 18.44 10.10
C LYS A 276 5.17 17.87 11.13
N ALA A 277 4.82 16.71 11.69
CA ALA A 277 5.67 16.06 12.68
C ALA A 277 6.98 15.67 12.00
N LEU A 278 6.89 14.91 10.91
CA LEU A 278 8.07 14.48 10.19
C LEU A 278 8.97 15.66 9.84
N ALA A 279 8.36 16.76 9.41
CA ALA A 279 9.12 17.94 9.06
C ALA A 279 9.82 18.51 10.29
N ALA A 280 9.08 18.62 11.39
CA ALA A 280 9.64 19.15 12.63
C ALA A 280 10.79 18.31 13.17
N GLU A 281 10.79 17.02 12.83
CA GLU A 281 11.85 16.13 13.30
C GLU A 281 13.02 16.09 12.34
N GLY A 282 13.05 17.01 11.37
CA GLY A 282 14.13 17.02 10.42
C GLY A 282 14.03 15.87 9.43
N ARG A 283 12.80 15.43 9.19
CA ARG A 283 12.54 14.34 8.25
C ARG A 283 11.39 14.73 7.32
N PRO A 284 11.44 15.93 6.73
CA PRO A 284 10.35 16.33 5.84
C PRO A 284 10.10 15.24 4.79
N PHE A 285 8.81 14.96 4.59
CA PHE A 285 8.34 13.95 3.67
C PHE A 285 7.90 14.51 2.33
N LEU A 286 8.20 13.77 1.28
CA LEU A 286 7.80 14.10 -0.07
C LEU A 286 7.33 12.80 -0.71
N GLY A 287 6.19 12.85 -1.40
CA GLY A 287 5.69 11.66 -2.05
C GLY A 287 4.27 11.30 -1.63
N VAL A 288 4.01 9.99 -1.52
CA VAL A 288 2.70 9.53 -1.12
C VAL A 288 2.75 9.03 0.32
N LEU A 289 1.97 9.65 1.19
CA LEU A 289 1.87 9.22 2.58
C LEU A 289 0.61 8.38 2.59
N TYR A 290 0.75 7.11 2.92
CA TYR A 290 -0.36 6.17 2.95
C TYR A 290 -0.70 5.79 4.39
N ALA A 291 -1.86 6.21 4.88
CA ALA A 291 -2.24 5.88 6.24
C ALA A 291 -3.23 4.73 6.32
N GLY A 292 -2.75 3.61 6.81
CA GLY A 292 -3.67 2.50 7.10
C GLY A 292 -4.49 2.76 8.36
N LEU A 293 -5.71 3.22 8.22
CA LEU A 293 -6.48 3.65 9.38
C LEU A 293 -7.66 2.77 9.73
N MET A 294 -8.27 3.10 10.85
CA MET A 294 -9.47 2.41 11.27
C MET A 294 -10.40 3.47 11.82
N ALA A 295 -11.62 3.46 11.31
CA ALA A 295 -12.63 4.41 11.74
C ALA A 295 -13.24 3.83 12.98
N THR A 296 -12.89 4.37 14.15
CA THR A 296 -13.44 3.89 15.41
C THR A 296 -14.51 4.87 15.85
N ALA A 297 -15.30 4.49 16.85
CA ALA A 297 -16.35 5.36 17.37
C ALA A 297 -15.74 6.63 17.97
N ASN A 298 -14.45 6.57 18.28
CA ASN A 298 -13.76 7.71 18.87
C ASN A 298 -13.04 8.56 17.83
N GLY A 299 -13.14 8.13 16.58
CA GLY A 299 -12.48 8.87 15.52
C GLY A 299 -11.49 7.98 14.78
N PRO A 300 -10.85 8.51 13.74
CA PRO A 300 -9.87 7.76 12.96
C PRO A 300 -8.61 7.54 13.77
N LYS A 301 -8.00 6.37 13.64
CA LYS A 301 -6.77 6.08 14.35
C LYS A 301 -5.84 5.31 13.42
N VAL A 302 -4.55 5.65 13.48
CA VAL A 302 -3.56 5.02 12.64
C VAL A 302 -3.29 3.57 13.03
N ILE A 303 -3.31 2.69 12.04
CA ILE A 303 -3.02 1.27 12.26
C ILE A 303 -1.55 1.15 11.89
N GLU A 304 -1.23 1.68 10.68
CA GLU A 304 0.05 1.55 10.01
C GLU A 304 0.33 2.77 9.13
N PHE A 305 1.57 3.22 8.96
CA PHE A 305 1.89 4.24 7.97
C PHE A 305 2.74 3.59 6.88
N ASN A 306 2.56 4.05 5.65
CA ASN A 306 3.30 3.56 4.51
C ASN A 306 3.83 4.80 3.78
N ALA A 307 5.06 4.71 3.29
CA ALA A 307 5.69 5.84 2.61
C ALA A 307 5.56 5.82 1.09
N ARG A 308 4.45 5.29 0.59
CA ARG A 308 4.21 5.22 -0.84
C ARG A 308 2.82 4.69 -1.16
N PHE A 309 2.48 4.66 -2.44
CA PHE A 309 1.18 4.14 -2.86
C PHE A 309 0.98 2.74 -2.35
N GLY A 310 -0.24 2.46 -1.90
CA GLY A 310 -0.54 1.12 -1.45
C GLY A 310 -0.90 0.27 -2.65
N ASP A 311 -0.77 -1.04 -2.49
CA ASP A 311 -1.10 -2.01 -3.54
C ASP A 311 -2.05 -2.96 -2.84
N PRO A 312 -3.25 -3.19 -3.41
CA PRO A 312 -3.84 -2.65 -4.64
C PRO A 312 -4.59 -1.32 -4.61
N GLU A 313 -4.40 -0.51 -3.57
CA GLU A 313 -5.10 0.78 -3.51
C GLU A 313 -4.84 1.64 -4.76
N ALA A 314 -3.61 1.58 -5.28
CA ALA A 314 -3.27 2.37 -6.45
C ALA A 314 -4.11 1.92 -7.65
N GLN A 315 -4.28 0.61 -7.78
CA GLN A 315 -5.04 0.05 -8.89
C GLN A 315 -6.49 0.50 -8.93
N VAL A 316 -7.04 0.89 -7.79
CA VAL A 316 -8.42 1.32 -7.77
C VAL A 316 -8.60 2.82 -7.56
N VAL A 317 -7.58 3.50 -7.05
CA VAL A 317 -7.69 4.94 -6.83
C VAL A 317 -7.27 5.74 -8.06
N LEU A 318 -6.16 5.34 -8.68
CA LEU A 318 -5.69 6.05 -9.87
C LEU A 318 -6.70 6.08 -11.02
N PRO A 319 -7.43 4.97 -11.25
CA PRO A 319 -8.39 5.03 -12.36
C PRO A 319 -9.52 6.02 -12.08
N ARG A 320 -9.67 6.44 -10.83
CA ARG A 320 -10.72 7.38 -10.50
C ARG A 320 -10.17 8.80 -10.59
N LEU A 321 -8.86 8.94 -10.74
CA LEU A 321 -8.24 10.26 -10.83
C LEU A 321 -8.37 10.88 -12.22
N LYS A 322 -9.15 11.93 -12.33
CA LYS A 322 -9.35 12.61 -13.61
C LYS A 322 -8.14 13.48 -13.90
N THR A 323 -7.65 14.15 -12.86
CA THR A 323 -6.48 15.02 -12.97
C THR A 323 -5.30 14.21 -13.46
N ASP A 324 -4.44 14.83 -14.27
CA ASP A 324 -3.26 14.17 -14.79
C ASP A 324 -2.27 13.93 -13.63
N LEU A 325 -1.89 12.68 -13.45
CA LEU A 325 -0.98 12.28 -12.37
C LEU A 325 0.39 12.95 -12.43
N VAL A 326 1.01 12.93 -13.60
CA VAL A 326 2.33 13.57 -13.74
C VAL A 326 2.22 15.03 -13.36
N GLU A 327 1.24 15.73 -13.95
CA GLU A 327 1.05 17.15 -13.65
C GLU A 327 0.77 17.34 -12.16
N ALA A 328 -0.01 16.43 -11.60
CA ALA A 328 -0.33 16.48 -10.18
C ALA A 328 0.96 16.33 -9.36
N VAL A 329 1.75 15.32 -9.70
CA VAL A 329 3.00 15.07 -8.98
C VAL A 329 3.96 16.26 -9.04
N LEU A 330 4.07 16.88 -10.21
CA LEU A 330 4.95 18.03 -10.36
C LEU A 330 4.45 19.21 -9.53
N ALA A 331 3.13 19.38 -9.48
CA ALA A 331 2.54 20.44 -8.68
C ALA A 331 2.94 20.22 -7.24
N VAL A 332 2.76 19.00 -6.75
CA VAL A 332 3.12 18.69 -5.38
C VAL A 332 4.60 18.98 -5.11
N MET A 333 5.47 18.55 -6.03
CA MET A 333 6.89 18.78 -5.86
C MET A 333 7.26 20.26 -5.84
N ASP A 334 6.48 21.08 -6.54
CA ASP A 334 6.74 22.52 -6.55
C ASP A 334 5.97 23.22 -5.44
N GLY A 335 5.32 22.44 -4.60
CA GLY A 335 4.56 23.02 -3.50
C GLY A 335 3.47 23.96 -3.99
N LYS A 336 2.93 23.68 -5.17
CA LYS A 336 1.86 24.50 -5.75
C LYS A 336 0.49 24.02 -5.30
N GLU A 337 -0.48 24.94 -5.24
CA GLU A 337 -1.83 24.58 -4.87
C GLU A 337 -2.34 23.65 -5.95
N LEU A 338 -3.18 22.69 -5.56
CA LEU A 338 -3.70 21.74 -6.52
C LEU A 338 -5.07 21.19 -6.10
N GLU A 339 -6.01 21.20 -7.02
CA GLU A 339 -7.35 20.70 -6.76
C GLU A 339 -7.50 19.42 -7.57
N LEU A 340 -7.44 18.28 -6.90
CA LEU A 340 -7.58 16.99 -7.59
C LEU A 340 -9.03 16.69 -7.91
N GLU A 341 -9.29 16.21 -9.12
CA GLU A 341 -10.64 15.89 -9.53
C GLU A 341 -10.84 14.38 -9.68
N TRP A 342 -12.00 13.91 -9.23
CA TRP A 342 -12.30 12.49 -9.26
C TRP A 342 -13.61 12.16 -9.96
N THR A 343 -13.64 11.03 -10.66
CA THR A 343 -14.83 10.58 -11.35
C THR A 343 -15.84 10.16 -10.30
N ASP A 344 -17.13 10.24 -10.61
CA ASP A 344 -18.16 9.83 -9.67
C ASP A 344 -18.19 8.32 -9.65
N GLU A 345 -17.77 7.71 -10.74
CA GLU A 345 -17.76 6.27 -10.84
C GLU A 345 -16.90 5.62 -9.76
N ALA A 346 -17.40 4.49 -9.28
CA ALA A 346 -16.71 3.71 -8.27
C ALA A 346 -15.80 2.75 -9.02
N VAL A 347 -14.80 2.22 -8.33
CA VAL A 347 -13.88 1.26 -8.93
C VAL A 347 -13.54 0.18 -7.92
N LEU A 348 -13.66 -1.07 -8.35
CA LEU A 348 -13.35 -2.19 -7.48
C LEU A 348 -12.41 -3.13 -8.22
N GLY A 349 -11.39 -3.62 -7.50
CA GLY A 349 -10.43 -4.52 -8.08
C GLY A 349 -10.25 -5.79 -7.26
N VAL A 350 -10.06 -6.90 -7.97
CA VAL A 350 -9.87 -8.20 -7.33
C VAL A 350 -8.52 -8.80 -7.69
N VAL A 351 -7.78 -9.22 -6.67
CA VAL A 351 -6.47 -9.80 -6.88
C VAL A 351 -6.54 -11.30 -7.14
N LEU A 352 -5.75 -11.77 -8.09
CA LEU A 352 -5.65 -13.20 -8.37
C LEU A 352 -4.25 -13.54 -7.87
N ALA A 353 -4.17 -14.44 -6.90
CA ALA A 353 -2.89 -14.84 -6.33
C ALA A 353 -2.59 -16.31 -6.62
N ALA A 354 -1.32 -16.67 -6.56
CA ALA A 354 -0.93 -18.05 -6.79
C ALA A 354 -1.32 -18.85 -5.56
N LYS A 355 -1.90 -20.03 -5.77
CA LYS A 355 -2.31 -20.87 -4.65
C LYS A 355 -1.15 -21.04 -3.67
N GLY A 356 -1.44 -20.84 -2.40
CA GLY A 356 -0.42 -20.96 -1.38
C GLY A 356 -0.07 -19.60 -0.80
N TYR A 357 -0.22 -18.56 -1.61
CA TYR A 357 0.06 -17.19 -1.17
C TYR A 357 -0.90 -16.87 -0.03
N PRO A 358 -0.44 -16.11 0.98
CA PRO A 358 0.89 -15.49 1.19
C PRO A 358 1.99 -16.47 1.58
N GLY A 359 1.63 -17.74 1.76
CA GLY A 359 2.63 -18.72 2.13
C GLY A 359 3.42 -19.14 0.90
N ALA A 360 3.97 -20.35 0.93
CA ALA A 360 4.74 -20.85 -0.20
C ALA A 360 3.79 -21.05 -1.36
N TYR A 361 4.25 -20.70 -2.55
CA TYR A 361 3.42 -20.85 -3.74
C TYR A 361 4.31 -21.29 -4.89
N GLU A 362 3.68 -21.77 -5.95
CA GLU A 362 4.40 -22.23 -7.13
C GLU A 362 4.17 -21.29 -8.30
N ARG A 363 5.08 -21.34 -9.27
CA ARG A 363 4.96 -20.53 -10.47
C ARG A 363 4.92 -21.47 -11.66
N GLY A 364 4.59 -20.93 -12.83
CA GLY A 364 4.55 -21.77 -14.02
C GLY A 364 3.17 -22.24 -14.42
N ALA A 365 2.14 -21.80 -13.71
CA ALA A 365 0.79 -22.20 -14.06
C ALA A 365 0.37 -21.35 -15.26
N GLU A 366 -0.10 -22.00 -16.31
CA GLU A 366 -0.53 -21.26 -17.50
C GLU A 366 -1.82 -20.51 -17.23
N ILE A 367 -1.82 -19.21 -17.55
CA ILE A 367 -3.01 -18.38 -17.36
C ILE A 367 -3.68 -18.21 -18.71
N ARG A 368 -4.90 -18.73 -18.84
CA ARG A 368 -5.63 -18.64 -20.10
C ARG A 368 -6.81 -17.68 -20.05
N GLY A 369 -7.16 -17.14 -21.22
CA GLY A 369 -8.29 -16.24 -21.32
C GLY A 369 -8.05 -14.76 -21.07
N LEU A 370 -6.81 -14.34 -20.85
CA LEU A 370 -6.58 -12.92 -20.61
C LEU A 370 -7.08 -12.08 -21.78
N ASP A 371 -7.13 -12.69 -22.97
CA ASP A 371 -7.59 -12.01 -24.17
C ASP A 371 -9.11 -11.98 -24.31
N ARG A 372 -9.81 -12.57 -23.34
CA ARG A 372 -11.28 -12.62 -23.37
C ARG A 372 -11.87 -11.47 -22.58
N ILE A 373 -11.04 -10.81 -21.78
CA ILE A 373 -11.47 -9.71 -20.94
C ILE A 373 -11.90 -8.49 -21.75
N SER A 374 -12.98 -7.85 -21.33
CA SER A 374 -13.47 -6.65 -22.01
C SER A 374 -12.41 -5.57 -21.97
N PRO A 375 -12.27 -4.80 -23.07
CA PRO A 375 -11.29 -3.72 -23.15
C PRO A 375 -11.52 -2.64 -22.10
N ASP A 376 -12.71 -2.67 -21.49
CA ASP A 376 -13.07 -1.70 -20.47
C ASP A 376 -12.63 -2.14 -19.09
N ALA A 377 -12.20 -3.39 -18.96
CA ALA A 377 -11.73 -3.89 -17.68
C ALA A 377 -10.29 -3.43 -17.51
N LEU A 378 -9.89 -3.18 -16.28
CA LEU A 378 -8.53 -2.75 -16.01
C LEU A 378 -7.81 -3.96 -15.46
N LEU A 379 -6.87 -4.48 -16.25
CA LEU A 379 -6.11 -5.65 -15.85
C LEU A 379 -4.69 -5.22 -15.52
N PHE A 380 -4.39 -5.12 -14.23
CA PHE A 380 -3.06 -4.72 -13.81
C PHE A 380 -2.22 -5.95 -13.44
N HIS A 381 -1.10 -6.12 -14.14
CA HIS A 381 -0.18 -7.24 -13.91
C HIS A 381 0.71 -6.99 -12.70
N ALA A 382 0.86 -8.01 -11.86
CA ALA A 382 1.68 -7.88 -10.65
C ALA A 382 2.78 -8.93 -10.56
N GLY A 383 2.56 -10.10 -11.15
CA GLY A 383 3.57 -11.14 -11.09
C GLY A 383 3.30 -12.21 -12.13
N THR A 384 3.37 -11.82 -13.40
CA THR A 384 3.15 -12.75 -14.50
C THR A 384 4.42 -12.85 -15.33
N LYS A 385 4.45 -13.81 -16.23
CA LYS A 385 5.59 -13.98 -17.12
C LYS A 385 5.10 -14.43 -18.49
N ARG A 386 5.79 -13.98 -19.52
CA ARG A 386 5.46 -14.32 -20.90
C ARG A 386 6.52 -15.29 -21.40
N GLU A 387 6.07 -16.37 -22.02
CA GLU A 387 7.01 -17.34 -22.52
C GLU A 387 6.35 -18.18 -23.61
N GLY A 388 7.00 -18.24 -24.77
CA GLY A 388 6.47 -19.02 -25.86
C GLY A 388 5.08 -18.60 -26.28
N GLY A 389 4.79 -17.31 -26.16
CA GLY A 389 3.47 -16.80 -26.55
C GLY A 389 2.35 -17.15 -25.61
N ALA A 390 2.67 -17.37 -24.34
CA ALA A 390 1.67 -17.70 -23.34
C ALA A 390 1.96 -17.02 -22.01
N TRP A 391 0.93 -16.88 -21.19
CA TRP A 391 1.07 -16.25 -19.88
C TRP A 391 1.21 -17.28 -18.79
N TYR A 392 2.06 -16.98 -17.80
CA TYR A 392 2.28 -17.89 -16.70
C TYR A 392 2.35 -17.16 -15.37
N THR A 393 1.89 -17.81 -14.31
CA THR A 393 1.94 -17.22 -12.98
C THR A 393 3.42 -17.08 -12.63
N ASN A 394 3.78 -15.97 -11.97
CA ASN A 394 5.17 -15.78 -11.62
C ASN A 394 5.37 -14.92 -10.39
N GLY A 395 4.59 -15.20 -9.34
CA GLY A 395 4.70 -14.45 -8.10
C GLY A 395 3.56 -14.72 -7.16
N GLY A 396 3.56 -14.05 -5.99
CA GLY A 396 2.49 -14.25 -5.02
C GLY A 396 1.20 -13.71 -5.61
N ARG A 397 1.13 -12.39 -5.73
CA ARG A 397 -0.02 -11.73 -6.31
C ARG A 397 0.36 -11.63 -7.79
N VAL A 398 -0.47 -12.24 -8.63
CA VAL A 398 -0.22 -12.32 -10.05
C VAL A 398 -0.89 -11.26 -10.91
N LEU A 399 -2.16 -10.99 -10.62
CA LEU A 399 -2.92 -10.00 -11.37
C LEU A 399 -4.02 -9.40 -10.52
N LEU A 400 -4.63 -8.37 -11.08
CA LEU A 400 -5.76 -7.71 -10.46
C LEU A 400 -6.62 -7.16 -11.58
N LEU A 401 -7.91 -7.50 -11.54
CA LEU A 401 -8.83 -6.98 -12.54
C LEU A 401 -9.78 -6.03 -11.81
N ALA A 402 -9.84 -4.80 -12.30
CA ALA A 402 -10.70 -3.79 -11.70
C ALA A 402 -11.72 -3.34 -12.73
N ALA A 403 -12.90 -2.94 -12.27
CA ALA A 403 -13.93 -2.47 -13.18
C ALA A 403 -14.53 -1.17 -12.66
N LYS A 404 -14.95 -0.31 -13.59
CA LYS A 404 -15.59 0.95 -13.22
C LYS A 404 -17.08 0.66 -13.13
N GLY A 405 -17.78 1.41 -12.27
CA GLY A 405 -19.20 1.21 -12.13
C GLY A 405 -19.89 2.47 -11.66
N GLU A 406 -21.17 2.62 -12.00
CA GLU A 406 -21.92 3.79 -11.59
C GLU A 406 -22.05 3.75 -10.07
N THR A 407 -22.07 2.53 -9.52
CA THR A 407 -22.17 2.30 -8.10
C THR A 407 -21.15 1.21 -7.79
N LEU A 408 -20.88 1.01 -6.50
CA LEU A 408 -19.93 -0.01 -6.10
C LEU A 408 -20.47 -1.39 -6.45
N ALA A 409 -21.79 -1.53 -6.41
CA ALA A 409 -22.43 -2.81 -6.74
C ALA A 409 -22.18 -3.16 -8.20
N LYS A 410 -22.31 -2.16 -9.07
CA LYS A 410 -22.08 -2.38 -10.50
C LYS A 410 -20.60 -2.72 -10.75
N ALA A 411 -19.70 -2.03 -10.05
CA ALA A 411 -18.28 -2.29 -10.22
C ALA A 411 -17.99 -3.74 -9.84
N LYS A 412 -18.44 -4.15 -8.65
CA LYS A 412 -18.22 -5.51 -8.19
C LYS A 412 -18.74 -6.54 -9.19
N GLU A 413 -19.94 -6.31 -9.70
CA GLU A 413 -20.54 -7.20 -10.70
C GLU A 413 -19.72 -7.29 -11.97
N LYS A 414 -19.35 -6.13 -12.53
CA LYS A 414 -18.55 -6.11 -13.74
C LYS A 414 -17.21 -6.79 -13.52
N ALA A 415 -16.61 -6.55 -12.36
CA ALA A 415 -15.32 -7.14 -12.04
C ALA A 415 -15.35 -8.66 -12.02
N TYR A 416 -16.15 -9.24 -11.12
CA TYR A 416 -16.25 -10.69 -11.01
C TYR A 416 -16.74 -11.33 -12.29
N GLU A 417 -17.55 -10.60 -13.04
CA GLU A 417 -18.09 -11.07 -14.30
C GLU A 417 -16.89 -11.36 -15.20
N GLN A 418 -16.04 -10.35 -15.38
CA GLN A 418 -14.85 -10.48 -16.20
C GLN A 418 -13.88 -11.53 -15.66
N LEU A 419 -13.70 -11.55 -14.35
CA LEU A 419 -12.78 -12.50 -13.72
C LEU A 419 -13.04 -13.94 -14.15
N ALA A 420 -14.31 -14.30 -14.26
CA ALA A 420 -14.71 -15.67 -14.62
C ALA A 420 -14.21 -16.12 -15.99
N ALA A 421 -13.81 -15.17 -16.83
CA ALA A 421 -13.30 -15.50 -18.16
C ALA A 421 -11.87 -16.04 -18.08
N ILE A 422 -11.20 -15.76 -16.97
CA ILE A 422 -9.83 -16.20 -16.78
C ILE A 422 -9.77 -17.63 -16.26
N ASP A 423 -9.01 -18.48 -16.94
CA ASP A 423 -8.88 -19.88 -16.55
C ASP A 423 -7.45 -20.22 -16.16
N CYS A 424 -7.26 -20.60 -14.90
CA CYS A 424 -5.94 -20.96 -14.39
C CYS A 424 -6.06 -21.68 -13.04
N ASP A 425 -5.85 -22.98 -13.04
CA ASP A 425 -5.94 -23.77 -11.83
C ASP A 425 -4.81 -23.47 -10.86
N GLY A 426 -4.01 -22.46 -11.17
CA GLY A 426 -2.91 -22.10 -10.30
C GLY A 426 -3.19 -20.80 -9.56
N LEU A 427 -4.38 -20.25 -9.76
CA LEU A 427 -4.76 -19.01 -9.10
C LEU A 427 -6.04 -19.15 -8.28
N PHE A 428 -6.24 -18.19 -7.38
CA PHE A 428 -7.44 -18.15 -6.55
C PHE A 428 -7.71 -16.69 -6.20
N TYR A 429 -8.90 -16.40 -5.71
CA TYR A 429 -9.22 -15.02 -5.37
C TYR A 429 -10.48 -14.93 -4.53
N ARG A 430 -10.49 -13.98 -3.60
CA ARG A 430 -11.64 -13.79 -2.74
C ARG A 430 -12.82 -13.36 -3.59
N ARG A 431 -14.01 -13.80 -3.20
CA ARG A 431 -15.23 -13.49 -3.94
C ARG A 431 -15.99 -12.39 -3.22
N ASP A 432 -15.50 -12.01 -2.04
CA ASP A 432 -16.17 -11.01 -1.24
C ASP A 432 -15.54 -9.61 -1.26
N ILE A 433 -14.74 -9.30 -2.28
CA ILE A 433 -14.14 -7.97 -2.33
C ILE A 433 -15.27 -6.95 -2.49
N GLY A 434 -15.33 -6.00 -1.57
CA GLY A 434 -16.39 -4.99 -1.64
C GLY A 434 -17.67 -5.37 -0.92
N ARG A 435 -17.72 -6.57 -0.36
CA ARG A 435 -18.92 -7.01 0.35
C ARG A 435 -19.28 -6.10 1.52
N ARG A 436 -18.27 -5.51 2.17
CA ARG A 436 -18.51 -4.62 3.30
C ARG A 436 -19.23 -3.35 2.87
N ALA A 437 -18.88 -2.84 1.69
CA ALA A 437 -19.50 -1.63 1.20
C ALA A 437 -20.92 -1.86 0.70
N ILE A 438 -21.19 -3.08 0.24
CA ILE A 438 -22.42 -3.35 -0.49
C ILE A 438 -23.53 -3.76 0.47
N GLU A 439 -23.38 -4.94 1.08
CA GLU A 439 -24.08 -5.33 2.29
C GLU A 439 -23.71 -4.40 3.45
P PO4 B . -0.15 -2.53 3.35
O1 PO4 B . 0.18 -3.95 3.06
O2 PO4 B . -0.12 -2.31 4.83
O3 PO4 B . 0.84 -1.64 2.70
O4 PO4 B . -1.51 -2.22 2.84
#